data_16PK
#
_entry.id   16PK
#
_cell.length_a   72.710
_cell.length_b   79.760
_cell.length_c   81.320
_cell.angle_alpha   90.00
_cell.angle_beta   90.00
_cell.angle_gamma   90.00
#
_symmetry.space_group_name_H-M   'P 21 21 21'
#
loop_
_entity.id
_entity.type
_entity.pdbx_description
1 polymer '3-PHOSPHOGLYCERATE KINASE'
2 non-polymer '1,1,5,5-TETRAFLUOROPHOSPHOPENTYLPHOSPHONIC ACID ADENYLATE ESTER'
3 non-polymer '4-(2-HYDROXYETHYL)-1-PIPERAZINE ETHANESULFONIC ACID'
4 water water
#
_entity_poly.entity_id   1
_entity_poly.type   'polypeptide(L)'
_entity_poly.pdbx_seq_one_letter_code
;EKKSINECDLKGKKVLIRVDFNVPVKNGKITNDYRIRSALPTLKKVLTEGGSCVLMSHLGRPKGIPMAQAGKIRSTGGVP
GFQQKATLKPVAKRLSELLLRPVTFAPDCLNAADVVSKMSPGDVVLLENVRFYKEEGSKKAKDREAMAKILASYGDVYIS
DAFGTAHRDSATMTGIPKILGNGAAGYLMEKEISYFAKVLGNPPRPLVAIVGGAKVSDKIQLLDNMLQRIDYLLIGGAMA
YTFLKAQGYSIGKSKCEESKLEFARSLLKKAEDRKVQVILPIDHVCHTEFKAVDSPLITEDQNIPEGHMALDIGPKTIEK
YVQTIGKCKSAIWNGPMGVFEMVPYSKGTFAIAKAMGRGTHEHGLMSIIGGGDSASAAELSGEAKRMSHVSTGGGASLEL
LEGKTLPGVTVLDDK
;
_entity_poly.pdbx_strand_id   A
#
loop_
_chem_comp.id
_chem_comp.type
_chem_comp.name
_chem_comp.formula
BIS non-polymer '1,1,5,5-TETRAFLUOROPHOSPHOPENTYLPHOSPHONIC ACID ADENYLATE ESTER' 'C15 H22 F4 N5 O12 P3'
EPE non-polymer '4-(2-HYDROXYETHYL)-1-PIPERAZINE ETHANESULFONIC ACID' 'C8 H18 N2 O4 S'
#
# COMPACT_ATOMS: atom_id res chain seq x y z
N GLU A 1 6.39 -20.02 -1.94
CA GLU A 1 7.87 -20.14 -2.12
C GLU A 1 8.62 -19.58 -0.90
N LYS A 2 8.19 -18.43 -0.40
CA LYS A 2 8.82 -17.84 0.77
C LYS A 2 8.23 -18.52 2.00
N LYS A 3 9.04 -18.73 3.02
CA LYS A 3 8.56 -19.37 4.24
C LYS A 3 7.52 -18.46 4.90
N SER A 4 6.47 -19.04 5.46
CA SER A 4 5.43 -18.24 6.10
C SER A 4 5.38 -18.57 7.59
N ILE A 5 4.63 -17.78 8.34
CA ILE A 5 4.47 -17.97 9.78
C ILE A 5 3.99 -19.39 10.12
N ASN A 6 3.16 -19.97 9.26
CA ASN A 6 2.65 -21.32 9.47
C ASN A 6 3.76 -22.39 9.48
N GLU A 7 4.93 -22.05 8.94
CA GLU A 7 6.05 -22.99 8.90
C GLU A 7 7.09 -22.73 9.98
N CYS A 8 6.81 -21.78 10.88
CA CYS A 8 7.74 -21.44 11.95
C CYS A 8 7.49 -22.10 13.29
N ASP A 9 8.56 -22.32 14.04
CA ASP A 9 8.49 -22.86 15.41
C ASP A 9 8.30 -21.57 16.23
N LEU A 10 7.19 -21.47 16.94
CA LEU A 10 6.88 -20.27 17.72
C LEU A 10 6.70 -20.48 19.23
N LYS A 11 6.52 -21.73 19.65
CA LYS A 11 6.30 -22.01 21.05
C LYS A 11 7.52 -21.63 21.88
N GLY A 12 7.30 -20.74 22.85
CA GLY A 12 8.39 -20.31 23.71
C GLY A 12 9.26 -19.24 23.10
N LYS A 13 8.94 -18.84 21.87
CA LYS A 13 9.72 -17.83 21.14
C LYS A 13 9.22 -16.41 21.35
N LYS A 14 10.16 -15.48 21.38
CA LYS A 14 9.86 -14.06 21.49
C LYS A 14 9.90 -13.66 20.01
N VAL A 15 8.73 -13.35 19.46
CA VAL A 15 8.61 -13.07 18.05
C VAL A 15 8.56 -11.61 17.70
N LEU A 16 9.51 -11.17 16.89
CA LEU A 16 9.60 -9.79 16.40
C LEU A 16 8.71 -9.75 15.16
N ILE A 17 7.67 -8.91 15.18
CA ILE A 17 6.79 -8.81 14.02
C ILE A 17 6.75 -7.39 13.49
N ARG A 18 7.13 -7.21 12.23
CA ARG A 18 7.09 -5.89 11.64
C ARG A 18 5.66 -5.74 11.09
N VAL A 19 4.85 -4.97 11.79
CA VAL A 19 3.46 -4.77 11.41
C VAL A 19 3.21 -3.41 10.75
N ASP A 20 2.06 -3.28 10.12
CA ASP A 20 1.67 -2.02 9.50
C ASP A 20 0.57 -1.44 10.37
N PHE A 21 0.95 -0.53 11.26
CA PHE A 21 0.03 0.15 12.17
C PHE A 21 0.01 1.63 11.83
N ASN A 22 0.32 1.94 10.57
CA ASN A 22 0.31 3.34 10.12
C ASN A 22 -1.12 3.79 9.92
N VAL A 23 -1.84 3.94 11.02
CA VAL A 23 -3.24 4.37 10.95
C VAL A 23 -3.37 5.88 10.98
N PRO A 24 -4.45 6.41 10.39
CA PRO A 24 -4.66 7.86 10.40
C PRO A 24 -5.14 8.25 11.79
N VAL A 25 -4.55 9.30 12.35
CA VAL A 25 -4.91 9.79 13.68
C VAL A 25 -5.22 11.29 13.61
N LYS A 26 -6.22 11.74 14.38
CA LYS A 26 -6.58 13.16 14.41
C LYS A 26 -6.80 13.57 15.86
N ASN A 27 -6.05 14.56 16.29
CA ASN A 27 -6.16 15.06 17.64
C ASN A 27 -6.01 13.94 18.66
N GLY A 28 -5.10 13.02 18.34
CA GLY A 28 -4.81 11.90 19.21
C GLY A 28 -5.71 10.69 19.17
N LYS A 29 -6.72 10.72 18.31
CA LYS A 29 -7.63 9.58 18.21
C LYS A 29 -7.46 8.92 16.85
N ILE A 30 -7.48 7.59 16.83
CA ILE A 30 -7.38 6.85 15.58
C ILE A 30 -8.71 7.03 14.86
N THR A 31 -8.68 7.44 13.59
CA THR A 31 -9.92 7.63 12.85
C THR A 31 -10.29 6.45 11.95
N ASN A 32 -9.39 5.47 11.88
CA ASN A 32 -9.63 4.26 11.10
C ASN A 32 -8.66 3.19 11.60
N ASP A 33 -9.18 2.19 12.29
CA ASP A 33 -8.36 1.10 12.82
C ASP A 33 -8.28 -0.13 11.91
N TYR A 34 -8.68 0.02 10.64
CA TYR A 34 -8.68 -1.09 9.69
C TYR A 34 -7.37 -1.88 9.67
N ARG A 35 -6.25 -1.17 9.60
CA ARG A 35 -4.93 -1.81 9.56
C ARG A 35 -4.62 -2.62 10.81
N ILE A 36 -5.11 -2.15 11.95
CA ILE A 36 -4.87 -2.86 13.20
C ILE A 36 -5.67 -4.15 13.16
N ARG A 37 -6.93 -4.05 12.71
CA ARG A 37 -7.77 -5.24 12.61
C ARG A 37 -7.17 -6.25 11.65
N SER A 38 -6.61 -5.81 10.53
CA SER A 38 -6.04 -6.74 9.55
C SER A 38 -4.83 -7.49 10.10
N ALA A 39 -4.16 -6.91 11.10
CA ALA A 39 -2.98 -7.55 11.68
C ALA A 39 -3.29 -8.67 12.68
N LEU A 40 -4.52 -8.68 13.20
CA LEU A 40 -4.90 -9.67 14.21
C LEU A 40 -4.63 -11.15 13.94
N PRO A 41 -5.02 -11.67 12.75
CA PRO A 41 -4.75 -13.11 12.52
C PRO A 41 -3.28 -13.54 12.68
N THR A 42 -2.34 -12.71 12.21
CA THR A 42 -0.92 -13.04 12.36
C THR A 42 -0.53 -13.07 13.85
N LEU A 43 -0.97 -12.08 14.61
CA LEU A 43 -0.66 -12.02 16.03
C LEU A 43 -1.32 -13.19 16.77
N LYS A 44 -2.57 -13.50 16.43
CA LYS A 44 -3.31 -14.59 17.06
C LYS A 44 -2.56 -15.90 16.85
N LYS A 45 -2.00 -16.09 15.66
CA LYS A 45 -1.24 -17.30 15.34
C LYS A 45 -0.06 -17.46 16.29
N VAL A 46 0.70 -16.40 16.51
CA VAL A 46 1.85 -16.47 17.39
C VAL A 46 1.42 -16.86 18.81
N LEU A 47 0.42 -16.13 19.33
CA LEU A 47 -0.09 -16.37 20.68
C LEU A 47 -0.65 -17.80 20.85
N THR A 48 -1.38 -18.26 19.85
CA THR A 48 -1.96 -19.60 19.83
C THR A 48 -0.85 -20.67 19.88
N GLU A 49 0.27 -20.40 19.20
CA GLU A 49 1.36 -21.36 19.21
C GLU A 49 2.24 -21.27 20.47
N GLY A 50 1.95 -20.31 21.35
CA GLY A 50 2.71 -20.19 22.58
C GLY A 50 3.91 -19.25 22.59
N GLY A 51 3.95 -18.28 21.68
CA GLY A 51 5.05 -17.34 21.67
C GLY A 51 4.57 -16.03 22.28
N SER A 52 5.43 -15.02 22.26
CA SER A 52 5.09 -13.68 22.72
C SER A 52 5.42 -12.75 21.54
N CYS A 53 4.84 -11.57 21.53
CA CYS A 53 5.05 -10.65 20.40
C CYS A 53 5.67 -9.32 20.77
N VAL A 54 6.70 -8.94 20.00
CA VAL A 54 7.36 -7.64 20.14
C VAL A 54 7.04 -7.02 18.78
N LEU A 55 6.09 -6.09 18.78
CA LEU A 55 5.63 -5.46 17.54
C LEU A 55 6.38 -4.19 17.18
N MET A 56 6.72 -4.05 15.90
CA MET A 56 7.44 -2.89 15.41
C MET A 56 6.67 -2.28 14.27
N SER A 57 6.57 -0.96 14.24
CA SER A 57 5.84 -0.30 13.18
C SER A 57 6.18 1.18 13.14
N HIS A 58 5.70 1.84 12.09
CA HIS A 58 5.91 3.26 11.97
C HIS A 58 4.54 3.89 11.86
N LEU A 59 4.47 5.18 12.12
CA LEU A 59 3.22 5.92 12.02
C LEU A 59 3.63 7.27 11.43
N GLY A 60 2.95 7.67 10.35
CA GLY A 60 3.24 8.94 9.71
C GLY A 60 4.65 9.04 9.18
N ARG A 61 5.16 10.27 9.08
CA ARG A 61 6.50 10.54 8.56
C ARG A 61 7.23 11.47 9.52
N PRO A 62 7.58 10.99 10.71
CA PRO A 62 8.29 11.86 11.66
C PRO A 62 9.70 12.19 11.15
N LYS A 63 10.24 13.31 11.61
CA LYS A 63 11.58 13.78 11.22
C LYS A 63 12.66 12.76 11.51
N GLY A 64 12.68 12.30 12.75
CA GLY A 64 13.69 11.33 13.15
C GLY A 64 14.90 12.06 13.71
N ILE A 65 15.66 11.35 14.53
CA ILE A 65 16.85 11.89 15.16
C ILE A 65 17.93 10.80 15.09
N PRO A 66 19.21 11.18 14.99
CA PRO A 66 20.27 10.18 14.92
C PRO A 66 20.40 9.44 16.26
N MET A 67 20.65 8.15 16.20
CA MET A 67 20.80 7.28 17.38
C MET A 67 21.80 7.82 18.40
N ALA A 68 22.86 8.44 17.91
CA ALA A 68 23.90 8.98 18.77
C ALA A 68 23.37 9.99 19.79
N GLN A 69 22.37 10.76 19.39
CA GLN A 69 21.80 11.77 20.28
C GLN A 69 20.83 11.19 21.31
N ALA A 70 20.48 9.92 21.13
CA ALA A 70 19.56 9.26 22.04
C ALA A 70 19.99 9.27 23.51
N GLY A 71 21.26 8.97 23.76
CA GLY A 71 21.78 8.95 25.13
C GLY A 71 21.46 10.22 25.90
N LYS A 72 21.85 11.36 25.35
CA LYS A 72 21.60 12.66 25.98
C LYS A 72 20.11 12.78 26.30
N ILE A 73 19.28 12.61 25.28
CA ILE A 73 17.83 12.73 25.38
C ILE A 73 17.23 11.90 26.52
N ARG A 74 17.64 10.63 26.58
CA ARG A 74 17.13 9.72 27.60
C ARG A 74 17.49 10.19 29.00
N SER A 75 18.66 10.82 29.15
CA SER A 75 19.10 11.33 30.45
C SER A 75 18.15 12.41 30.93
N THR A 76 17.68 13.24 29.99
CA THR A 76 16.73 14.29 30.33
C THR A 76 15.38 13.65 30.59
N GLY A 77 15.30 12.36 30.29
CA GLY A 77 14.05 11.63 30.50
C GLY A 77 13.14 11.68 29.28
N GLY A 78 13.57 12.37 28.23
CA GLY A 78 12.75 12.47 27.04
C GLY A 78 12.87 11.27 26.12
N VAL A 79 12.00 11.21 25.12
CA VAL A 79 12.02 10.12 24.15
C VAL A 79 12.61 10.64 22.83
N PRO A 80 13.72 10.04 22.39
CA PRO A 80 14.43 10.39 21.16
C PRO A 80 13.54 10.42 19.94
N GLY A 81 13.48 11.58 19.28
CA GLY A 81 12.69 11.73 18.08
C GLY A 81 11.20 11.84 18.30
N PHE A 82 10.77 11.95 19.55
CA PHE A 82 9.35 12.03 19.82
C PHE A 82 8.61 13.18 19.16
N GLN A 83 7.40 12.86 18.71
CA GLN A 83 6.49 13.80 18.09
C GLN A 83 5.10 13.28 18.42
N GLN A 84 4.37 14.06 19.20
CA GLN A 84 3.02 13.69 19.65
C GLN A 84 2.09 13.16 18.57
N LYS A 85 2.11 13.83 17.42
CA LYS A 85 1.27 13.44 16.29
C LYS A 85 1.58 12.04 15.74
N ALA A 86 2.80 11.57 15.95
CA ALA A 86 3.19 10.27 15.43
C ALA A 86 3.46 9.18 16.46
N THR A 87 2.95 9.34 17.67
CA THR A 87 3.15 8.32 18.69
C THR A 87 2.22 7.12 18.47
N LEU A 88 2.71 5.92 18.81
CA LEU A 88 1.92 4.71 18.63
C LEU A 88 1.16 4.34 19.90
N LYS A 89 1.28 5.16 20.94
CA LYS A 89 0.60 4.87 22.20
C LYS A 89 -0.90 4.57 22.05
N PRO A 90 -1.65 5.36 21.26
CA PRO A 90 -3.07 5.04 21.14
C PRO A 90 -3.30 3.74 20.38
N VAL A 91 -2.36 3.38 19.51
CA VAL A 91 -2.48 2.14 18.75
C VAL A 91 -2.36 0.96 19.72
N ALA A 92 -1.47 1.08 20.70
CA ALA A 92 -1.29 0.04 21.70
C ALA A 92 -2.62 -0.23 22.42
N LYS A 93 -3.29 0.85 22.84
CA LYS A 93 -4.59 0.76 23.52
C LYS A 93 -5.66 0.13 22.63
N ARG A 94 -5.74 0.58 21.38
CA ARG A 94 -6.72 0.01 20.47
C ARG A 94 -6.45 -1.49 20.23
N LEU A 95 -5.18 -1.85 20.07
CA LEU A 95 -4.81 -3.26 19.86
C LEU A 95 -5.25 -4.11 21.04
N SER A 96 -5.05 -3.59 22.25
CA SER A 96 -5.45 -4.31 23.45
C SER A 96 -6.96 -4.57 23.44
N GLU A 97 -7.72 -3.54 23.04
CA GLU A 97 -9.17 -3.64 22.98
C GLU A 97 -9.61 -4.70 21.99
N LEU A 98 -8.93 -4.76 20.85
CA LEU A 98 -9.25 -5.73 19.81
C LEU A 98 -8.80 -7.14 20.15
N LEU A 99 -7.65 -7.27 20.78
CA LEU A 99 -7.14 -8.59 21.16
C LEU A 99 -7.79 -9.11 22.44
N LEU A 100 -8.35 -8.20 23.22
CA LEU A 100 -8.96 -8.53 24.50
C LEU A 100 -7.89 -9.10 25.43
N ARG A 101 -6.71 -8.48 25.39
CA ARG A 101 -5.58 -8.88 26.25
C ARG A 101 -4.68 -7.65 26.41
N PRO A 102 -3.83 -7.64 27.44
CA PRO A 102 -2.98 -6.47 27.63
C PRO A 102 -1.94 -6.29 26.54
N VAL A 103 -1.60 -5.03 26.29
CA VAL A 103 -0.55 -4.69 25.34
C VAL A 103 0.30 -3.62 26.01
N THR A 104 1.52 -3.99 26.36
CA THR A 104 2.43 -3.05 27.01
C THR A 104 3.11 -2.19 25.98
N PHE A 105 3.02 -0.89 26.15
CA PHE A 105 3.65 0.06 25.24
C PHE A 105 5.05 0.41 25.74
N ALA A 106 6.05 0.24 24.89
CA ALA A 106 7.44 0.57 25.22
C ALA A 106 7.67 1.92 24.52
N PRO A 107 7.73 3.00 25.30
CA PRO A 107 7.92 4.35 24.76
C PRO A 107 9.15 4.69 23.89
N ASP A 108 10.14 3.82 23.85
CA ASP A 108 11.33 4.06 23.03
C ASP A 108 11.73 2.74 22.41
N CYS A 109 11.61 2.62 21.09
CA CYS A 109 11.92 1.35 20.46
C CYS A 109 13.37 0.87 20.61
N LEU A 110 14.30 1.78 20.88
CA LEU A 110 15.70 1.38 21.02
C LEU A 110 16.18 1.28 22.45
N ASN A 111 15.25 1.39 23.39
CA ASN A 111 15.59 1.31 24.80
C ASN A 111 14.50 0.52 25.51
N ALA A 112 14.29 -0.73 25.09
CA ALA A 112 13.25 -1.57 25.67
C ALA A 112 13.76 -2.91 26.20
N ALA A 113 15.07 -3.01 26.40
CA ALA A 113 15.68 -4.25 26.88
C ALA A 113 15.02 -4.83 28.13
N ASP A 114 14.71 -3.96 29.09
CA ASP A 114 14.10 -4.41 30.34
C ASP A 114 12.70 -4.99 30.19
N VAL A 115 11.77 -4.21 29.62
CA VAL A 115 10.41 -4.70 29.44
C VAL A 115 10.43 -6.00 28.62
N VAL A 116 11.26 -6.02 27.58
CA VAL A 116 11.35 -7.21 26.74
C VAL A 116 11.86 -8.41 27.52
N SER A 117 12.82 -8.21 28.41
CA SER A 117 13.37 -9.32 29.19
C SER A 117 12.33 -9.96 30.11
N LYS A 118 11.39 -9.17 30.60
CA LYS A 118 10.35 -9.64 31.51
C LYS A 118 9.14 -10.30 30.82
N MET A 119 9.18 -10.37 29.49
CA MET A 119 8.09 -10.96 28.73
C MET A 119 7.98 -12.46 28.90
N SER A 120 6.75 -12.95 28.91
CA SER A 120 6.48 -14.37 29.01
C SER A 120 5.60 -14.75 27.80
N PRO A 121 5.53 -16.05 27.48
CA PRO A 121 4.69 -16.50 26.37
C PRO A 121 3.28 -15.96 26.59
N GLY A 122 2.68 -15.43 25.53
CA GLY A 122 1.34 -14.87 25.64
C GLY A 122 1.33 -13.35 25.76
N ASP A 123 2.48 -12.74 26.03
CA ASP A 123 2.56 -11.27 26.18
C ASP A 123 2.67 -10.58 24.83
N VAL A 124 2.23 -9.33 24.79
CA VAL A 124 2.30 -8.53 23.58
C VAL A 124 2.87 -7.16 23.97
N VAL A 125 3.95 -6.76 23.31
CA VAL A 125 4.57 -5.46 23.54
C VAL A 125 4.65 -4.73 22.21
N LEU A 126 4.27 -3.46 22.21
CA LEU A 126 4.35 -2.62 21.02
C LEU A 126 5.40 -1.56 21.31
N LEU A 127 6.45 -1.55 20.51
CA LEU A 127 7.51 -0.55 20.65
C LEU A 127 7.04 0.75 20.00
N GLU A 128 7.56 1.87 20.46
CA GLU A 128 7.21 3.16 19.90
C GLU A 128 7.70 3.23 18.44
N ASN A 129 7.13 4.18 17.69
CA ASN A 129 7.41 4.45 16.28
C ASN A 129 8.89 4.30 15.97
N VAL A 130 9.22 3.36 15.08
CA VAL A 130 10.61 3.13 14.72
C VAL A 130 11.20 4.28 13.89
N ARG A 131 10.35 5.11 13.30
CA ARG A 131 10.86 6.22 12.50
C ARG A 131 11.25 7.45 13.31
N PHE A 132 11.27 7.29 14.63
CA PHE A 132 11.70 8.36 15.51
C PHE A 132 13.23 8.37 15.41
N TYR A 133 13.80 7.33 14.81
CA TYR A 133 15.24 7.24 14.60
C TYR A 133 15.55 7.33 13.11
N LYS A 134 16.45 8.24 12.75
CA LYS A 134 16.84 8.45 11.37
C LYS A 134 17.42 7.23 10.69
N GLU A 135 18.13 6.39 11.42
CA GLU A 135 18.75 5.23 10.79
C GLU A 135 17.78 4.18 10.32
N GLU A 136 16.53 4.25 10.78
CA GLU A 136 15.53 3.27 10.38
C GLU A 136 15.46 3.14 8.85
N GLY A 137 15.33 4.26 8.17
CA GLY A 137 15.26 4.21 6.72
C GLY A 137 16.49 4.75 6.02
N SER A 138 17.62 4.72 6.70
CA SER A 138 18.86 5.24 6.13
C SER A 138 19.30 4.52 4.87
N LYS A 139 19.96 5.25 3.99
CA LYS A 139 20.47 4.68 2.75
C LYS A 139 21.76 3.91 3.02
N LYS A 140 22.34 4.14 4.19
CA LYS A 140 23.58 3.45 4.58
C LYS A 140 23.25 2.15 5.30
N ALA A 141 23.78 1.05 4.79
CA ALA A 141 23.55 -0.26 5.42
C ALA A 141 24.03 -0.24 6.87
N LYS A 142 25.21 0.34 7.12
CA LYS A 142 25.74 0.42 8.47
C LYS A 142 24.77 1.11 9.41
N ASP A 143 24.07 2.13 8.92
CA ASP A 143 23.11 2.84 9.74
C ASP A 143 21.98 1.89 10.10
N ARG A 144 21.45 1.21 9.10
CA ARG A 144 20.35 0.28 9.33
C ARG A 144 20.76 -0.90 10.20
N GLU A 145 21.98 -1.40 9.99
CA GLU A 145 22.51 -2.53 10.75
C GLU A 145 22.63 -2.20 12.24
N ALA A 146 23.08 -0.99 12.55
CA ALA A 146 23.25 -0.56 13.93
C ALA A 146 21.91 -0.57 14.68
N MET A 147 20.89 0.00 14.06
CA MET A 147 19.57 0.05 14.68
C MET A 147 19.00 -1.35 14.78
N ALA A 148 19.11 -2.11 13.69
CA ALA A 148 18.58 -3.47 13.64
C ALA A 148 19.22 -4.39 14.69
N LYS A 149 20.47 -4.13 15.03
CA LYS A 149 21.16 -4.97 16.02
C LYS A 149 20.46 -4.88 17.35
N ILE A 150 20.04 -3.68 17.73
CA ILE A 150 19.35 -3.45 18.98
C ILE A 150 17.99 -4.14 18.93
N LEU A 151 17.24 -3.92 17.85
CA LEU A 151 15.92 -4.54 17.72
C LEU A 151 16.00 -6.07 17.69
N ALA A 152 16.95 -6.62 16.95
CA ALA A 152 17.10 -8.06 16.86
C ALA A 152 17.37 -8.71 18.22
N SER A 153 18.01 -7.96 19.13
CA SER A 153 18.32 -8.48 20.46
C SER A 153 17.05 -8.65 21.30
N TYR A 154 15.94 -8.10 20.80
CA TYR A 154 14.67 -8.17 21.50
C TYR A 154 13.87 -9.41 21.18
N GLY A 155 14.36 -10.27 20.30
CA GLY A 155 13.61 -11.46 19.97
C GLY A 155 14.40 -12.61 19.38
N ASP A 156 13.69 -13.70 19.10
CA ASP A 156 14.26 -14.92 18.56
C ASP A 156 13.93 -15.17 17.09
N VAL A 157 12.69 -14.89 16.69
CA VAL A 157 12.28 -15.11 15.32
C VAL A 157 11.62 -13.88 14.74
N TYR A 158 11.83 -13.67 13.45
CA TYR A 158 11.31 -12.51 12.75
C TYR A 158 10.17 -12.82 11.79
N ILE A 159 9.10 -12.04 11.89
CA ILE A 159 7.95 -12.19 11.00
C ILE A 159 7.70 -10.82 10.36
N SER A 160 7.61 -10.78 9.04
CA SER A 160 7.37 -9.54 8.30
C SER A 160 5.91 -9.55 7.83
N ASP A 161 5.15 -8.53 8.21
CA ASP A 161 3.74 -8.46 7.78
C ASP A 161 3.34 -7.03 7.42
N ALA A 162 4.25 -6.31 6.77
CA ALA A 162 4.04 -4.92 6.37
C ALA A 162 4.54 -4.75 4.94
N PHE A 163 3.78 -5.31 4.00
CA PHE A 163 4.12 -5.26 2.59
C PHE A 163 4.35 -3.86 2.05
N GLY A 164 3.58 -2.90 2.54
CA GLY A 164 3.70 -1.53 2.09
C GLY A 164 5.09 -0.90 2.21
N THR A 165 5.94 -1.45 3.08
CA THR A 165 7.28 -0.93 3.24
C THR A 165 8.35 -1.93 2.77
N ALA A 166 7.91 -3.01 2.12
CA ALA A 166 8.82 -4.05 1.65
C ALA A 166 9.69 -3.71 0.44
N HIS A 167 9.36 -2.62 -0.25
CA HIS A 167 10.10 -2.25 -1.44
C HIS A 167 11.36 -1.44 -1.20
N ARG A 168 11.70 -1.24 0.08
CA ARG A 168 12.86 -0.45 0.43
C ARG A 168 13.57 -1.08 1.62
N ASP A 169 14.88 -0.97 1.65
CA ASP A 169 15.65 -1.51 2.77
C ASP A 169 15.40 -0.64 4.00
N SER A 170 15.36 -1.25 5.17
CA SER A 170 15.16 -0.50 6.41
C SER A 170 15.59 -1.41 7.55
N ALA A 171 15.89 -0.82 8.69
CA ALA A 171 16.31 -1.60 9.84
C ALA A 171 15.28 -2.69 10.17
N THR A 172 14.00 -2.32 10.19
CA THR A 172 12.93 -3.26 10.53
C THR A 172 12.51 -4.24 9.44
N MET A 173 12.63 -3.86 8.16
CA MET A 173 12.22 -4.75 7.08
C MET A 173 13.30 -5.69 6.55
N THR A 174 14.56 -5.23 6.55
CA THR A 174 15.65 -6.05 6.04
C THR A 174 16.83 -6.25 7.02
N GLY A 175 17.08 -5.26 7.88
CA GLY A 175 18.17 -5.35 8.82
C GLY A 175 18.03 -6.49 9.82
N ILE A 176 16.90 -6.52 10.53
CA ILE A 176 16.63 -7.54 11.53
C ILE A 176 16.75 -8.98 11.06
N PRO A 177 16.05 -9.37 9.98
CA PRO A 177 16.20 -10.77 9.57
C PRO A 177 17.63 -11.17 9.21
N LYS A 178 18.38 -10.21 8.68
CA LYS A 178 19.76 -10.42 8.29
C LYS A 178 20.60 -10.76 9.52
N ILE A 179 20.49 -9.92 10.55
CA ILE A 179 21.21 -10.09 11.81
C ILE A 179 20.73 -11.33 12.56
N LEU A 180 19.41 -11.50 12.62
CA LEU A 180 18.82 -12.63 13.32
C LEU A 180 19.12 -13.96 12.67
N GLY A 181 19.17 -13.98 11.34
CA GLY A 181 19.43 -15.21 10.63
C GLY A 181 18.19 -15.96 10.17
N ASN A 182 17.02 -15.35 10.35
CA ASN A 182 15.76 -15.99 9.93
C ASN A 182 14.71 -14.91 9.67
N GLY A 183 13.69 -15.29 8.92
CA GLY A 183 12.63 -14.36 8.59
C GLY A 183 11.57 -15.07 7.80
N ALA A 184 10.31 -14.81 8.14
CA ALA A 184 9.21 -15.44 7.44
C ALA A 184 8.06 -14.43 7.24
N ALA A 185 7.19 -14.73 6.29
CA ALA A 185 6.05 -13.87 5.96
C ALA A 185 4.82 -14.12 6.83
N GLY A 186 4.24 -13.04 7.35
CA GLY A 186 3.01 -13.14 8.13
C GLY A 186 1.88 -13.38 7.15
N TYR A 187 0.64 -13.52 7.62
CA TYR A 187 -0.48 -13.80 6.70
C TYR A 187 -0.75 -12.76 5.62
N LEU A 188 -0.61 -11.47 5.96
CA LEU A 188 -0.86 -10.42 4.98
C LEU A 188 0.20 -10.45 3.88
N MET A 189 1.46 -10.52 4.30
CA MET A 189 2.60 -10.57 3.39
C MET A 189 2.51 -11.80 2.51
N GLU A 190 2.15 -12.93 3.12
CA GLU A 190 2.03 -14.18 2.39
C GLU A 190 1.05 -14.03 1.23
N LYS A 191 -0.10 -13.41 1.51
CA LYS A 191 -1.11 -13.21 0.47
C LYS A 191 -0.64 -12.26 -0.63
N GLU A 192 0.03 -11.18 -0.24
CA GLU A 192 0.57 -10.21 -1.20
C GLU A 192 1.51 -10.88 -2.19
N ILE A 193 2.49 -11.60 -1.67
CA ILE A 193 3.46 -12.29 -2.52
C ILE A 193 2.77 -13.25 -3.47
N SER A 194 1.83 -14.03 -2.95
CA SER A 194 1.12 -14.99 -3.77
C SER A 194 0.34 -14.37 -4.92
N TYR A 195 -0.49 -13.38 -4.62
CA TYR A 195 -1.29 -12.77 -5.66
C TYR A 195 -0.53 -12.03 -6.74
N PHE A 196 0.54 -11.35 -6.37
CA PHE A 196 1.28 -10.67 -7.41
C PHE A 196 2.05 -11.67 -8.26
N ALA A 197 2.46 -12.79 -7.68
CA ALA A 197 3.17 -13.82 -8.44
C ALA A 197 2.17 -14.38 -9.45
N LYS A 198 0.92 -14.51 -9.02
CA LYS A 198 -0.14 -15.01 -9.90
C LYS A 198 -0.34 -14.07 -11.09
N VAL A 199 -0.46 -12.78 -10.84
CA VAL A 199 -0.69 -11.86 -11.93
C VAL A 199 0.48 -11.75 -12.91
N LEU A 200 1.70 -12.00 -12.42
CA LEU A 200 2.86 -11.91 -13.30
C LEU A 200 3.20 -13.27 -13.94
N GLY A 201 2.43 -14.29 -13.59
CA GLY A 201 2.65 -15.61 -14.13
C GLY A 201 1.80 -15.80 -15.37
N ASN A 202 0.73 -16.57 -15.23
CA ASN A 202 -0.17 -16.79 -16.35
C ASN A 202 -1.60 -16.66 -15.87
N PRO A 203 -2.01 -15.44 -15.50
CA PRO A 203 -3.38 -15.24 -15.01
C PRO A 203 -4.43 -15.49 -16.08
N PRO A 204 -5.67 -15.77 -15.64
CA PRO A 204 -6.81 -16.03 -16.52
C PRO A 204 -7.08 -14.83 -17.42
N ARG A 205 -7.28 -15.10 -18.70
CA ARG A 205 -7.53 -14.04 -19.68
C ARG A 205 -9.01 -14.04 -20.06
N PRO A 206 -9.54 -12.89 -20.54
CA PRO A 206 -8.85 -11.62 -20.75
C PRO A 206 -8.44 -10.93 -19.45
N LEU A 207 -7.33 -10.20 -19.52
CA LEU A 207 -6.81 -9.48 -18.37
C LEU A 207 -6.85 -7.99 -18.69
N VAL A 208 -7.45 -7.22 -17.79
CA VAL A 208 -7.52 -5.78 -17.96
C VAL A 208 -6.68 -5.10 -16.88
N ALA A 209 -5.91 -4.10 -17.30
CA ALA A 209 -5.13 -3.30 -16.36
C ALA A 209 -5.83 -1.94 -16.33
N ILE A 210 -6.23 -1.49 -15.14
CA ILE A 210 -6.85 -0.17 -14.99
C ILE A 210 -5.75 0.66 -14.33
N VAL A 211 -5.38 1.76 -14.97
CA VAL A 211 -4.31 2.60 -14.44
C VAL A 211 -4.78 4.05 -14.28
N GLY A 212 -4.54 4.61 -13.11
CA GLY A 212 -4.94 5.99 -12.85
C GLY A 212 -3.82 6.78 -12.18
N GLY A 213 -4.19 7.61 -11.23
CA GLY A 213 -3.19 8.40 -10.56
C GLY A 213 -2.99 9.76 -11.21
N ALA A 214 -2.00 10.49 -10.70
CA ALA A 214 -1.77 11.86 -11.16
C ALA A 214 -0.88 12.08 -12.37
N LYS A 215 0.03 11.15 -12.66
CA LYS A 215 0.99 11.35 -13.76
C LYS A 215 1.25 10.12 -14.61
N VAL A 216 1.40 10.33 -15.91
CA VAL A 216 1.73 9.20 -16.76
C VAL A 216 3.17 8.78 -16.49
N SER A 217 4.04 9.74 -16.20
CA SER A 217 5.43 9.41 -15.94
C SER A 217 5.63 8.38 -14.84
N ASP A 218 4.79 8.43 -13.81
CA ASP A 218 4.90 7.49 -12.70
C ASP A 218 4.48 6.07 -13.05
N LYS A 219 3.78 5.92 -14.17
CA LYS A 219 3.29 4.60 -14.59
C LYS A 219 3.98 4.02 -15.84
N ILE A 220 4.99 4.71 -16.37
CA ILE A 220 5.66 4.20 -17.58
C ILE A 220 6.31 2.83 -17.41
N GLN A 221 6.98 2.58 -16.29
CA GLN A 221 7.61 1.29 -16.08
C GLN A 221 6.56 0.20 -15.94
N LEU A 222 5.41 0.56 -15.37
CA LEU A 222 4.32 -0.39 -15.23
C LEU A 222 3.89 -0.80 -16.64
N LEU A 223 3.66 0.20 -17.49
CA LEU A 223 3.26 -0.05 -18.86
C LEU A 223 4.33 -0.86 -19.63
N ASP A 224 5.60 -0.50 -19.42
CA ASP A 224 6.74 -1.20 -20.05
C ASP A 224 6.60 -2.71 -19.78
N ASN A 225 6.31 -3.08 -18.54
CA ASN A 225 6.21 -4.49 -18.19
C ASN A 225 4.87 -5.14 -18.48
N MET A 226 3.78 -4.40 -18.34
CA MET A 226 2.45 -4.96 -18.51
C MET A 226 1.82 -4.98 -19.91
N LEU A 227 2.24 -4.07 -20.79
CA LEU A 227 1.62 -3.99 -22.12
C LEU A 227 1.54 -5.31 -22.87
N GLN A 228 2.58 -6.11 -22.75
CA GLN A 228 2.65 -7.40 -23.45
C GLN A 228 1.87 -8.51 -22.76
N ARG A 229 1.29 -8.23 -21.60
CA ARG A 229 0.60 -9.25 -20.84
C ARG A 229 -0.91 -9.07 -20.74
N ILE A 230 -1.41 -7.93 -21.20
CA ILE A 230 -2.82 -7.61 -21.09
C ILE A 230 -3.60 -7.57 -22.40
N ASP A 231 -4.92 -7.49 -22.29
CA ASP A 231 -5.81 -7.43 -23.43
C ASP A 231 -6.51 -6.08 -23.50
N TYR A 232 -6.73 -5.48 -22.33
CA TYR A 232 -7.38 -4.17 -22.24
C TYR A 232 -6.60 -3.27 -21.31
N LEU A 233 -6.59 -1.97 -21.62
CA LEU A 233 -5.92 -0.98 -20.79
C LEU A 233 -6.89 0.17 -20.60
N LEU A 234 -7.39 0.35 -19.37
CA LEU A 234 -8.33 1.45 -19.07
C LEU A 234 -7.53 2.52 -18.34
N ILE A 235 -7.55 3.75 -18.86
CA ILE A 235 -6.77 4.82 -18.23
C ILE A 235 -7.65 5.90 -17.63
N GLY A 236 -7.34 6.26 -16.39
CA GLY A 236 -8.09 7.29 -15.69
C GLY A 236 -7.18 8.26 -14.94
N GLY A 237 -7.77 8.99 -13.99
CA GLY A 237 -7.01 9.96 -13.21
C GLY A 237 -6.45 11.07 -14.10
N ALA A 238 -5.46 11.82 -13.60
CA ALA A 238 -4.87 12.88 -14.42
C ALA A 238 -3.96 12.29 -15.50
N MET A 239 -3.57 11.04 -15.32
CA MET A 239 -2.74 10.35 -16.30
C MET A 239 -3.42 10.39 -17.68
N ALA A 240 -4.75 10.29 -17.66
CA ALA A 240 -5.53 10.30 -18.89
C ALA A 240 -5.44 11.57 -19.72
N TYR A 241 -5.27 12.72 -19.06
CA TYR A 241 -5.27 13.99 -19.78
C TYR A 241 -4.08 14.19 -20.69
N THR A 242 -2.93 13.64 -20.30
CA THR A 242 -1.76 13.75 -21.16
C THR A 242 -2.07 13.00 -22.46
N PHE A 243 -2.74 11.85 -22.35
CA PHE A 243 -3.09 11.06 -23.53
C PHE A 243 -4.14 11.81 -24.39
N LEU A 244 -5.20 12.30 -23.75
CA LEU A 244 -6.25 13.01 -24.50
C LEU A 244 -5.70 14.26 -25.19
N LYS A 245 -4.83 15.00 -24.49
CA LYS A 245 -4.24 16.20 -25.08
C LYS A 245 -3.39 15.82 -26.29
N ALA A 246 -2.57 14.78 -26.12
CA ALA A 246 -1.71 14.31 -27.20
C ALA A 246 -2.50 13.91 -28.45
N GLN A 247 -3.65 13.27 -28.25
CA GLN A 247 -4.50 12.85 -29.35
C GLN A 247 -5.16 14.03 -30.04
N GLY A 248 -5.32 15.14 -29.33
CA GLY A 248 -5.94 16.29 -29.95
C GLY A 248 -7.17 16.85 -29.29
N TYR A 249 -7.55 16.32 -28.13
CA TYR A 249 -8.73 16.83 -27.41
C TYR A 249 -8.37 18.03 -26.54
N SER A 250 -9.34 18.90 -26.27
CA SER A 250 -9.09 20.06 -25.43
C SER A 250 -9.21 19.60 -23.98
N ILE A 251 -8.23 19.93 -23.16
CA ILE A 251 -8.26 19.50 -21.76
C ILE A 251 -8.38 20.65 -20.76
N GLY A 252 -8.54 21.87 -21.26
CA GLY A 252 -8.67 23.01 -20.39
C GLY A 252 -7.51 23.17 -19.43
N LYS A 253 -7.81 23.34 -18.15
CA LYS A 253 -6.76 23.52 -17.14
C LYS A 253 -6.43 22.22 -16.41
N SER A 254 -6.78 21.09 -17.00
CA SER A 254 -6.54 19.79 -16.39
C SER A 254 -5.06 19.46 -16.22
N LYS A 255 -4.73 18.73 -15.16
CA LYS A 255 -3.35 18.35 -14.89
C LYS A 255 -2.82 17.47 -16.01
N CYS A 256 -1.64 17.76 -16.53
CA CYS A 256 -1.06 16.98 -17.61
C CYS A 256 0.45 17.15 -17.63
N GLU A 257 1.14 16.33 -18.41
CA GLU A 257 2.59 16.43 -18.51
C GLU A 257 2.95 16.65 -19.96
N GLU A 258 3.25 17.90 -20.30
CA GLU A 258 3.62 18.24 -21.68
C GLU A 258 4.83 17.47 -22.15
N SER A 259 5.72 17.13 -21.22
CA SER A 259 6.93 16.41 -21.59
C SER A 259 6.64 14.97 -21.98
N LYS A 260 5.40 14.55 -21.79
CA LYS A 260 5.03 13.18 -22.10
C LYS A 260 3.99 13.00 -23.23
N LEU A 261 3.77 14.04 -24.02
CA LEU A 261 2.82 13.95 -25.13
C LEU A 261 3.32 12.96 -26.18
N GLU A 262 4.61 13.03 -26.51
CA GLU A 262 5.16 12.08 -27.48
C GLU A 262 5.06 10.66 -26.96
N PHE A 263 5.39 10.48 -25.68
CA PHE A 263 5.32 9.15 -25.08
C PHE A 263 3.91 8.63 -25.21
N ALA A 264 2.92 9.46 -24.88
CA ALA A 264 1.52 9.03 -24.96
C ALA A 264 1.15 8.54 -26.35
N ARG A 265 1.55 9.29 -27.39
CA ARG A 265 1.23 8.88 -28.76
C ARG A 265 1.95 7.58 -29.15
N SER A 266 3.18 7.43 -28.68
CA SER A 266 3.93 6.20 -28.97
C SER A 266 3.28 5.01 -28.28
N LEU A 267 2.86 5.20 -27.03
CA LEU A 267 2.23 4.12 -26.27
C LEU A 267 0.96 3.65 -26.96
N LEU A 268 0.10 4.59 -27.35
CA LEU A 268 -1.14 4.25 -28.04
C LEU A 268 -0.83 3.47 -29.31
N LYS A 269 0.23 3.88 -30.00
CA LYS A 269 0.67 3.22 -31.24
C LYS A 269 1.12 1.78 -30.91
N LYS A 270 1.95 1.64 -29.88
CA LYS A 270 2.45 0.33 -29.45
C LYS A 270 1.30 -0.59 -29.07
N ALA A 271 0.32 -0.06 -28.34
CA ALA A 271 -0.82 -0.84 -27.89
C ALA A 271 -1.61 -1.39 -29.08
N GLU A 272 -1.85 -0.54 -30.06
CA GLU A 272 -2.58 -0.96 -31.25
C GLU A 272 -1.80 -2.07 -31.94
N ASP A 273 -0.50 -1.87 -32.09
CA ASP A 273 0.36 -2.86 -32.73
C ASP A 273 0.26 -4.21 -32.00
N ARG A 274 0.22 -4.19 -30.67
CA ARG A 274 0.13 -5.42 -29.91
C ARG A 274 -1.32 -5.91 -29.77
N LYS A 275 -2.23 -5.16 -30.39
CA LYS A 275 -3.66 -5.45 -30.36
C LYS A 275 -4.31 -5.39 -28.97
N VAL A 276 -3.79 -4.50 -28.13
CA VAL A 276 -4.32 -4.27 -26.80
C VAL A 276 -5.36 -3.18 -26.98
N GLN A 277 -6.56 -3.36 -26.43
CA GLN A 277 -7.59 -2.34 -26.56
C GLN A 277 -7.44 -1.31 -25.42
N VAL A 278 -7.09 -0.09 -25.79
CA VAL A 278 -6.91 1.01 -24.83
C VAL A 278 -8.20 1.83 -24.81
N ILE A 279 -8.68 2.16 -23.61
CA ILE A 279 -9.87 2.97 -23.49
C ILE A 279 -9.54 4.11 -22.56
N LEU A 280 -9.76 5.32 -23.05
CA LEU A 280 -9.52 6.55 -22.32
C LEU A 280 -10.88 7.12 -21.97
N PRO A 281 -10.93 8.13 -21.09
CA PRO A 281 -12.24 8.69 -20.73
C PRO A 281 -12.98 9.26 -21.92
N ILE A 282 -14.29 9.05 -21.91
CA ILE A 282 -15.17 9.55 -22.97
C ILE A 282 -16.05 10.67 -22.45
N ASP A 283 -15.86 11.04 -21.19
CA ASP A 283 -16.56 12.15 -20.55
C ASP A 283 -15.90 12.42 -19.21
N HIS A 284 -16.15 13.59 -18.63
CA HIS A 284 -15.49 13.98 -17.39
C HIS A 284 -16.36 14.77 -16.42
N VAL A 285 -15.96 14.75 -15.16
CA VAL A 285 -16.58 15.54 -14.12
C VAL A 285 -15.52 16.64 -13.90
N CYS A 286 -15.90 17.91 -14.05
CA CYS A 286 -14.94 19.00 -13.92
C CYS A 286 -15.44 20.17 -13.10
N HIS A 287 -14.52 21.07 -12.79
CA HIS A 287 -14.86 22.27 -12.05
C HIS A 287 -13.86 23.36 -12.45
N THR A 288 -14.17 24.61 -12.11
CA THR A 288 -13.31 25.72 -12.46
C THR A 288 -12.09 25.89 -11.56
N GLU A 289 -12.01 25.10 -10.49
CA GLU A 289 -10.88 25.15 -9.56
C GLU A 289 -10.74 23.82 -8.83
N PHE A 290 -9.60 23.61 -8.20
CA PHE A 290 -9.32 22.36 -7.50
C PHE A 290 -10.00 22.36 -6.14
N LYS A 291 -11.32 22.33 -6.16
CA LYS A 291 -12.11 22.33 -4.94
C LYS A 291 -13.37 21.53 -5.18
N ALA A 292 -13.97 21.06 -4.08
CA ALA A 292 -15.19 20.26 -4.15
C ALA A 292 -16.44 21.12 -4.30
N VAL A 293 -17.33 20.69 -5.18
CA VAL A 293 -18.59 21.38 -5.40
C VAL A 293 -19.65 20.27 -5.53
N ASP A 294 -20.86 20.54 -5.06
CA ASP A 294 -21.96 19.57 -5.11
C ASP A 294 -22.41 19.17 -6.51
N SER A 295 -22.43 20.10 -7.44
CA SER A 295 -22.86 19.77 -8.78
C SER A 295 -21.83 20.19 -9.82
N PRO A 296 -20.71 19.46 -9.89
CA PRO A 296 -19.62 19.74 -10.84
C PRO A 296 -20.14 19.61 -12.24
N LEU A 297 -19.45 20.25 -13.18
CA LEU A 297 -19.84 20.18 -14.59
C LEU A 297 -19.49 18.80 -15.13
N ILE A 298 -20.38 18.24 -15.94
CA ILE A 298 -20.16 16.93 -16.56
C ILE A 298 -20.11 17.19 -18.06
N THR A 299 -19.02 16.79 -18.71
CA THR A 299 -18.89 17.03 -20.16
C THR A 299 -19.65 15.97 -20.98
N GLU A 300 -19.96 16.30 -22.23
CA GLU A 300 -20.63 15.33 -23.09
C GLU A 300 -19.64 14.38 -23.74
N ASP A 301 -18.40 14.82 -23.95
CA ASP A 301 -17.40 13.94 -24.54
C ASP A 301 -16.00 14.16 -23.95
N GLN A 302 -14.96 13.73 -24.66
CA GLN A 302 -13.56 13.86 -24.23
C GLN A 302 -13.12 15.29 -23.96
N ASN A 303 -13.73 16.25 -24.65
CA ASN A 303 -13.34 17.65 -24.51
C ASN A 303 -13.74 18.30 -23.20
N ILE A 304 -12.80 19.04 -22.63
CA ILE A 304 -13.01 19.74 -21.37
C ILE A 304 -13.05 21.24 -21.65
N PRO A 305 -14.03 21.94 -21.08
CA PRO A 305 -14.16 23.40 -21.29
C PRO A 305 -12.91 24.18 -20.90
N GLU A 306 -12.60 25.23 -21.65
CA GLU A 306 -11.46 26.06 -21.30
C GLU A 306 -11.86 26.61 -19.93
N GLY A 307 -10.89 26.81 -19.06
CA GLY A 307 -11.23 27.32 -17.75
C GLY A 307 -11.76 26.27 -16.78
N HIS A 308 -11.80 25.00 -17.20
CA HIS A 308 -12.23 23.94 -16.29
C HIS A 308 -11.15 22.88 -16.24
N MET A 309 -11.04 22.18 -15.12
CA MET A 309 -10.09 21.08 -14.96
C MET A 309 -10.92 19.84 -14.64
N ALA A 310 -10.62 18.73 -15.33
CA ALA A 310 -11.33 17.47 -15.11
C ALA A 310 -10.79 16.87 -13.81
N LEU A 311 -11.70 16.45 -12.95
CA LEU A 311 -11.35 15.90 -11.65
C LEU A 311 -11.78 14.44 -11.37
N ASP A 312 -12.58 13.88 -12.28
CA ASP A 312 -12.98 12.47 -12.16
C ASP A 312 -13.50 12.01 -13.52
N ILE A 313 -13.53 10.71 -13.74
CA ILE A 313 -14.09 10.18 -14.99
C ILE A 313 -15.61 10.37 -14.89
N GLY A 314 -16.24 10.64 -16.03
CA GLY A 314 -17.68 10.85 -16.03
C GLY A 314 -18.53 9.59 -16.05
N PRO A 315 -19.88 9.75 -16.06
CA PRO A 315 -20.85 8.66 -16.07
C PRO A 315 -20.68 7.69 -17.23
N LYS A 316 -20.54 8.22 -18.45
CA LYS A 316 -20.37 7.36 -19.61
C LYS A 316 -19.09 6.54 -19.55
N THR A 317 -18.01 7.15 -19.04
CA THR A 317 -16.73 6.46 -18.92
C THR A 317 -16.87 5.32 -17.91
N ILE A 318 -17.49 5.60 -16.78
CA ILE A 318 -17.69 4.59 -15.74
C ILE A 318 -18.45 3.43 -16.37
N GLU A 319 -19.52 3.74 -17.11
CA GLU A 319 -20.29 2.69 -17.75
C GLU A 319 -19.42 1.81 -18.66
N LYS A 320 -18.61 2.46 -19.50
CA LYS A 320 -17.73 1.73 -20.42
C LYS A 320 -16.69 0.88 -19.69
N TYR A 321 -16.04 1.46 -18.68
CA TYR A 321 -15.01 0.75 -17.94
C TYR A 321 -15.59 -0.46 -17.21
N VAL A 322 -16.75 -0.27 -16.58
CA VAL A 322 -17.42 -1.35 -15.86
C VAL A 322 -17.78 -2.48 -16.85
N GLN A 323 -18.26 -2.10 -18.02
CA GLN A 323 -18.61 -3.10 -19.02
C GLN A 323 -17.37 -3.88 -19.49
N THR A 324 -16.25 -3.18 -19.66
CA THR A 324 -15.02 -3.84 -20.06
C THR A 324 -14.57 -4.83 -19.01
N ILE A 325 -14.62 -4.41 -17.75
CA ILE A 325 -14.21 -5.29 -16.65
C ILE A 325 -15.08 -6.55 -16.63
N GLY A 326 -16.33 -6.38 -17.06
CA GLY A 326 -17.25 -7.51 -17.10
C GLY A 326 -16.87 -8.57 -18.12
N LYS A 327 -15.99 -8.22 -19.05
CA LYS A 327 -15.57 -9.16 -20.08
C LYS A 327 -14.30 -9.88 -19.71
N CYS A 328 -13.71 -9.52 -18.58
CA CYS A 328 -12.44 -10.12 -18.20
C CYS A 328 -12.46 -11.19 -17.12
N LYS A 329 -11.42 -12.03 -17.12
CA LYS A 329 -11.26 -13.07 -16.11
C LYS A 329 -10.25 -12.60 -15.04
N SER A 330 -9.45 -11.59 -15.37
CA SER A 330 -8.48 -11.02 -14.44
C SER A 330 -8.50 -9.50 -14.56
N ALA A 331 -8.30 -8.80 -13.45
CA ALA A 331 -8.29 -7.34 -13.44
C ALA A 331 -7.30 -6.84 -12.41
N ILE A 332 -6.39 -5.98 -12.84
CA ILE A 332 -5.40 -5.40 -11.94
C ILE A 332 -5.61 -3.88 -12.01
N TRP A 333 -5.65 -3.23 -10.86
CA TRP A 333 -5.89 -1.80 -10.79
C TRP A 333 -4.90 -1.07 -9.91
N ASN A 334 -4.29 -0.02 -10.48
CA ASN A 334 -3.30 0.81 -9.80
C ASN A 334 -3.59 2.28 -10.11
N GLY A 335 -3.88 3.07 -9.09
CA GLY A 335 -4.14 4.49 -9.27
C GLY A 335 -5.59 4.85 -9.37
N PRO A 336 -6.07 5.83 -8.57
CA PRO A 336 -7.47 6.23 -8.59
C PRO A 336 -7.90 6.89 -9.91
N MET A 337 -9.20 6.82 -10.19
CA MET A 337 -9.77 7.35 -11.41
C MET A 337 -10.01 8.86 -11.37
N GLY A 338 -9.89 9.45 -10.17
CA GLY A 338 -10.10 10.87 -10.01
C GLY A 338 -9.56 11.31 -8.67
N VAL A 339 -9.91 12.54 -8.26
CA VAL A 339 -9.45 13.09 -6.98
C VAL A 339 -10.31 12.49 -5.84
N PHE A 340 -9.95 11.27 -5.45
CA PHE A 340 -10.68 10.51 -4.43
C PHE A 340 -10.75 11.22 -3.09
N GLU A 341 -9.77 12.08 -2.83
CA GLU A 341 -9.72 12.85 -1.60
C GLU A 341 -10.98 13.68 -1.41
N MET A 342 -11.66 14.05 -2.50
CA MET A 342 -12.87 14.87 -2.42
C MET A 342 -14.09 14.10 -2.83
N VAL A 343 -15.11 14.12 -1.99
CA VAL A 343 -16.33 13.37 -2.24
C VAL A 343 -16.94 13.47 -3.65
N PRO A 344 -17.15 14.68 -4.16
CA PRO A 344 -17.74 14.73 -5.51
C PRO A 344 -16.88 14.17 -6.65
N TYR A 345 -15.62 13.87 -6.38
CA TYR A 345 -14.72 13.34 -7.42
C TYR A 345 -14.27 11.92 -7.08
N SER A 346 -15.04 11.24 -6.23
CA SER A 346 -14.72 9.88 -5.80
C SER A 346 -15.54 8.79 -6.49
N LYS A 347 -16.60 9.17 -7.19
CA LYS A 347 -17.47 8.19 -7.85
C LYS A 347 -16.78 7.22 -8.78
N GLY A 348 -15.90 7.73 -9.64
CA GLY A 348 -15.20 6.88 -10.59
C GLY A 348 -14.43 5.78 -9.89
N THR A 349 -13.69 6.17 -8.86
CA THR A 349 -12.89 5.23 -8.11
C THR A 349 -13.79 4.20 -7.39
N PHE A 350 -14.86 4.65 -6.76
CA PHE A 350 -15.76 3.70 -6.11
C PHE A 350 -16.36 2.73 -7.10
N ALA A 351 -16.69 3.22 -8.30
CA ALA A 351 -17.31 2.38 -9.32
C ALA A 351 -16.42 1.24 -9.78
N ILE A 352 -15.12 1.49 -9.95
CA ILE A 352 -14.22 0.43 -10.39
C ILE A 352 -14.17 -0.64 -9.30
N ALA A 353 -14.10 -0.21 -8.04
CA ALA A 353 -14.07 -1.15 -6.92
C ALA A 353 -15.36 -1.99 -6.91
N LYS A 354 -16.50 -1.37 -7.18
CA LYS A 354 -17.76 -2.09 -7.21
C LYS A 354 -17.80 -3.14 -8.32
N ALA A 355 -17.37 -2.75 -9.53
CA ALA A 355 -17.36 -3.68 -10.67
C ALA A 355 -16.45 -4.88 -10.40
N MET A 356 -15.27 -4.61 -9.85
CA MET A 356 -14.31 -5.66 -9.56
C MET A 356 -14.79 -6.63 -8.48
N GLY A 357 -15.37 -6.10 -7.41
CA GLY A 357 -15.88 -6.94 -6.34
C GLY A 357 -17.00 -7.83 -6.86
N ARG A 358 -17.93 -7.24 -7.61
CA ARG A 358 -19.05 -8.00 -8.18
C ARG A 358 -18.52 -9.08 -9.11
N GLY A 359 -17.56 -8.72 -9.95
CA GLY A 359 -16.99 -9.69 -10.87
C GLY A 359 -16.48 -10.93 -10.16
N THR A 360 -15.78 -10.72 -9.05
CA THR A 360 -15.22 -11.84 -8.30
C THR A 360 -16.32 -12.61 -7.57
N HIS A 361 -17.19 -11.89 -6.87
CA HIS A 361 -18.25 -12.52 -6.11
C HIS A 361 -19.23 -13.29 -6.98
N GLU A 362 -19.56 -12.76 -8.14
CA GLU A 362 -20.51 -13.43 -9.00
C GLU A 362 -19.94 -14.24 -10.15
N HIS A 363 -18.68 -14.04 -10.49
CA HIS A 363 -18.12 -14.80 -11.62
C HIS A 363 -16.72 -15.37 -11.44
N GLY A 364 -16.09 -15.08 -10.31
CA GLY A 364 -14.75 -15.61 -10.09
C GLY A 364 -13.63 -14.80 -10.73
N LEU A 365 -13.91 -13.56 -11.11
CA LEU A 365 -12.88 -12.70 -11.68
C LEU A 365 -11.73 -12.65 -10.68
N MET A 366 -10.48 -12.66 -11.17
CA MET A 366 -9.33 -12.52 -10.27
C MET A 366 -9.08 -11.01 -10.23
N SER A 367 -9.49 -10.38 -9.14
CA SER A 367 -9.37 -8.94 -8.97
C SER A 367 -8.28 -8.54 -7.96
N ILE A 368 -7.32 -7.74 -8.41
CA ILE A 368 -6.23 -7.29 -7.56
C ILE A 368 -6.13 -5.76 -7.62
N ILE A 369 -6.18 -5.12 -6.47
CA ILE A 369 -6.10 -3.66 -6.40
C ILE A 369 -4.79 -3.32 -5.73
N GLY A 370 -3.99 -2.50 -6.38
CA GLY A 370 -2.68 -2.16 -5.84
C GLY A 370 -2.54 -1.02 -4.85
N GLY A 371 -3.20 -1.10 -3.71
CA GLY A 371 -3.05 -0.07 -2.69
C GLY A 371 -3.48 1.33 -3.08
N GLY A 372 -3.07 2.30 -2.26
CA GLY A 372 -3.42 3.69 -2.49
C GLY A 372 -4.90 3.96 -2.29
N ASP A 373 -5.39 5.03 -2.90
CA ASP A 373 -6.81 5.38 -2.79
C ASP A 373 -7.73 4.38 -3.49
N SER A 374 -7.20 3.61 -4.44
CA SER A 374 -8.01 2.62 -5.10
C SER A 374 -8.36 1.55 -4.03
N ALA A 375 -7.38 1.15 -3.23
CA ALA A 375 -7.60 0.18 -2.17
C ALA A 375 -8.54 0.77 -1.12
N SER A 376 -8.32 2.03 -0.76
CA SER A 376 -9.17 2.72 0.20
C SER A 376 -10.63 2.68 -0.26
N ALA A 377 -10.86 2.99 -1.53
CA ALA A 377 -12.23 2.96 -2.08
C ALA A 377 -12.87 1.61 -1.82
N ALA A 378 -12.15 0.53 -2.10
CA ALA A 378 -12.66 -0.83 -1.90
C ALA A 378 -12.95 -1.07 -0.43
N GLU A 379 -12.04 -0.62 0.42
CA GLU A 379 -12.17 -0.78 1.86
C GLU A 379 -13.40 -0.06 2.39
N LEU A 380 -13.55 1.22 2.04
CA LEU A 380 -14.67 2.01 2.52
C LEU A 380 -16.04 1.53 2.06
N SER A 381 -16.12 1.03 0.83
CA SER A 381 -17.38 0.57 0.28
C SER A 381 -17.73 -0.90 0.57
N GLY A 382 -16.90 -1.56 1.37
CA GLY A 382 -17.16 -2.94 1.69
C GLY A 382 -16.86 -3.92 0.57
N GLU A 383 -16.10 -3.49 -0.42
CA GLU A 383 -15.77 -4.36 -1.54
C GLU A 383 -14.47 -5.13 -1.32
N ALA A 384 -13.66 -4.69 -0.37
CA ALA A 384 -12.38 -5.33 -0.11
C ALA A 384 -12.50 -6.82 0.18
N LYS A 385 -13.56 -7.20 0.89
CA LYS A 385 -13.81 -8.60 1.23
C LYS A 385 -14.23 -9.43 0.02
N ARG A 386 -14.83 -8.78 -0.98
CA ARG A 386 -15.30 -9.46 -2.18
C ARG A 386 -14.21 -9.59 -3.24
N MET A 387 -13.17 -8.79 -3.09
CA MET A 387 -12.03 -8.79 -4.02
C MET A 387 -11.15 -10.03 -3.81
N SER A 388 -10.35 -10.38 -4.81
CA SER A 388 -9.45 -11.52 -4.66
C SER A 388 -8.32 -11.04 -3.75
N HIS A 389 -7.85 -9.81 -3.99
CA HIS A 389 -6.77 -9.26 -3.20
C HIS A 389 -6.72 -7.74 -3.26
N VAL A 390 -6.63 -7.10 -2.10
CA VAL A 390 -6.51 -5.65 -2.03
C VAL A 390 -5.19 -5.42 -1.31
N SER A 391 -4.21 -4.92 -2.05
CA SER A 391 -2.89 -4.66 -1.50
C SER A 391 -2.85 -3.51 -0.53
N THR A 392 -1.93 -3.60 0.44
CA THR A 392 -1.75 -2.56 1.45
C THR A 392 -0.63 -1.61 1.07
N GLY A 393 0.08 -1.88 -0.03
CA GLY A 393 1.17 -1.02 -0.44
C GLY A 393 1.09 -0.56 -1.89
N GLY A 394 0.79 0.73 -2.09
CA GLY A 394 0.69 1.30 -3.42
C GLY A 394 2.03 1.27 -4.13
N GLY A 395 3.03 1.88 -3.51
CA GLY A 395 4.37 1.92 -4.08
C GLY A 395 4.97 0.53 -4.26
N ALA A 396 4.81 -0.33 -3.26
CA ALA A 396 5.38 -1.67 -3.34
C ALA A 396 4.72 -2.54 -4.42
N SER A 397 3.40 -2.49 -4.51
CA SER A 397 2.70 -3.28 -5.51
C SER A 397 3.08 -2.81 -6.92
N LEU A 398 3.22 -1.50 -7.10
CA LEU A 398 3.59 -0.99 -8.42
C LEU A 398 4.97 -1.49 -8.80
N GLU A 399 5.90 -1.49 -7.85
CA GLU A 399 7.25 -1.96 -8.17
C GLU A 399 7.27 -3.43 -8.59
N LEU A 400 6.44 -4.27 -7.96
CA LEU A 400 6.39 -5.67 -8.36
C LEU A 400 5.88 -5.74 -9.80
N LEU A 401 4.84 -4.97 -10.10
CA LEU A 401 4.25 -4.96 -11.44
C LEU A 401 5.22 -4.37 -12.49
N GLU A 402 6.19 -3.59 -12.04
CA GLU A 402 7.21 -3.03 -12.94
C GLU A 402 8.24 -4.11 -13.27
N GLY A 403 8.17 -5.23 -12.55
CA GLY A 403 9.11 -6.31 -12.75
C GLY A 403 10.30 -6.27 -11.80
N LYS A 404 10.22 -5.45 -10.75
CA LYS A 404 11.30 -5.34 -9.79
C LYS A 404 11.09 -6.32 -8.61
N THR A 405 12.18 -6.69 -7.94
CA THR A 405 12.09 -7.57 -6.77
C THR A 405 12.15 -6.64 -5.55
N LEU A 406 11.48 -7.05 -4.47
CA LEU A 406 11.43 -6.25 -3.25
C LEU A 406 12.41 -6.73 -2.18
N PRO A 407 13.25 -5.82 -1.65
CA PRO A 407 14.24 -6.15 -0.61
C PRO A 407 13.60 -6.87 0.58
N GLY A 408 12.41 -6.41 0.97
CA GLY A 408 11.69 -6.98 2.09
C GLY A 408 11.19 -8.40 1.87
N VAL A 409 11.08 -8.80 0.61
CA VAL A 409 10.63 -10.15 0.28
C VAL A 409 11.87 -11.04 0.13
N THR A 410 12.84 -10.57 -0.66
CA THR A 410 14.08 -11.31 -0.89
C THR A 410 14.78 -11.73 0.42
N VAL A 411 14.79 -10.84 1.41
CA VAL A 411 15.44 -11.13 2.68
C VAL A 411 14.83 -12.28 3.48
N LEU A 412 13.56 -12.62 3.22
CA LEU A 412 12.89 -13.69 3.95
C LEU A 412 13.39 -15.08 3.54
N ASP A 413 13.26 -16.05 4.44
CA ASP A 413 13.68 -17.42 4.13
C ASP A 413 12.76 -18.06 3.10
N ASP A 414 13.28 -19.03 2.36
CA ASP A 414 12.47 -19.76 1.37
C ASP A 414 11.91 -20.95 2.13
N LYS A 415 10.76 -21.46 1.71
CA LYS A 415 10.24 -22.61 2.44
C LYS A 415 10.85 -23.90 1.90
PB BIS B . -1.18 5.63 -6.61
O2B BIS B . -2.61 5.26 -5.95
O3B BIS B . -0.90 5.03 -7.95
PA BIS B . -0.61 8.37 -7.47
O1A BIS B . 0.22 9.03 -6.45
O2A BIS B . 0.15 8.05 -8.69
O3A BIS B . -1.32 7.15 -6.78
O5' BIS B . -1.88 9.24 -7.81
C5' BIS B . -2.84 9.53 -6.77
C4' BIS B . -3.08 11.00 -6.86
O4' BIS B . -3.49 11.38 -8.18
C3' BIS B . -4.08 11.52 -5.83
O3' BIS B . -3.53 12.45 -4.91
C2' BIS B . -5.21 12.08 -6.69
O2' BIS B . -5.92 13.19 -6.10
C1' BIS B . -4.49 12.39 -7.99
N9 BIS B . -5.46 12.53 -9.12
C8 BIS B . -6.33 11.61 -9.56
N7 BIS B . -7.08 12.17 -10.51
C5 BIS B . -6.72 13.42 -10.69
C6 BIS B . -7.16 14.46 -11.49
N6 BIS B . -8.22 14.27 -12.34
N1 BIS B . -6.52 15.67 -11.39
C2 BIS B . -5.49 15.86 -10.55
N3 BIS B . -5.07 14.86 -9.76
C4 BIS B . -5.65 13.66 -9.80
C11 BIS B . 0.13 5.22 -5.42
F11 BIS B . 1.28 5.75 -5.88
F12 BIS B . 0.18 3.90 -5.36
C12 BIS B . -0.25 5.76 -4.04
C13 BIS B . 0.87 5.48 -3.03
C14 BIS B . 0.24 5.06 -1.70
C15 BIS B . 1.20 5.15 -0.51
F51 BIS B . 2.21 6.01 -0.64
F52 BIS B . 0.52 5.56 0.55
PN BIS B . 1.92 3.53 -0.09
ON1 BIS B . 3.02 3.18 -1.10
ON2 BIS B . 2.56 3.61 1.30
ON3 BIS B . 0.79 2.52 0.00
N1 EPE C . -16.82 17.17 3.95
C2 EPE C . -16.23 16.43 5.10
C3 EPE C . -16.61 17.13 6.42
N4 EPE C . -18.05 17.46 6.55
C5 EPE C . -18.71 18.02 5.34
C6 EPE C . -18.30 17.35 4.04
C7 EPE C . -18.47 18.28 7.75
C8 EPE C . -17.91 17.76 9.06
O8 EPE C . -18.32 16.48 9.39
C9 EPE C . -16.49 16.59 2.61
C10 EPE C . -15.17 17.26 2.20
S EPE C . -14.72 16.77 0.53
O1S EPE C . -13.40 17.39 0.36
O2S EPE C . -15.75 16.97 -0.42
O3S EPE C . -14.45 15.14 0.65
#